data_4C61
#
_entry.id   4C61
#
_cell.length_a   43.880
_cell.length_b   127.090
_cell.length_c   135.210
_cell.angle_alpha   90.00
_cell.angle_beta   97.33
_cell.angle_gamma   90.00
#
_symmetry.space_group_name_H-M   'C 1 2 1'
#
loop_
_entity.id
_entity.type
_entity.pdbx_description
1 polymer 'TYROSINE-PROTEIN KINASE JAK2'
2 non-polymer N2-[(1S)-1-(5-fluoropyrimidin-2-yl)ethyl]-7-methyl-N4-(1-methylimidazol-4-yl)thieno[3,2-d]pyrimidine-2,4-diamine
3 non-polymer 'ACETATE ION'
4 water water
#
_entity_poly.entity_id   1
_entity_poly.type   'polypeptide(L)'
_entity_poly.pdbx_seq_one_letter_code
;AFEDRDPTQFEERHLKFLQQLGKGNFGSVEMCRYDPLQDNTGEVVAVKKLQHSTEEHLRDFEREIEILKSLQHDNIVKYK
GVCYSAGRRNLKLIMEYLPYGSLRDYLQAHAERIDHIKLLQYTSQICKGMEYLGTKRYIHRDLATRNILVENENRVKIGD
FGLTKVLPQDKE(PTR)(PTR)KVKEPGESPIFWYAPESLTESKFSVASDVWSFGVVLYELFTYIEKSKSPPAEFMRMIG
NDKQGQMIVFHLIELLKNNGRLPRPDGCPDEIYMIMTECWNNNVNQRPSFRDLALRVDQIRDQMAG
;
_entity_poly.pdbx_strand_id   A,B
#
loop_
_chem_comp.id
_chem_comp.type
_chem_comp.name
_chem_comp.formula
ACT non-polymer 'ACETATE ION' 'C2 H3 O2 -1'
LMM non-polymer N2-[(1S)-1-(5-fluoropyrimidin-2-yl)ethyl]-7-methyl-N4-(1-methylimidazol-4-yl)thieno[3,2-d]pyrimidine-2,4-diamine 'C17 H17 F N8 S'
#
# COMPACT_ATOMS: atom_id res chain seq x y z
N PHE A 10 5.10 16.47 6.71
CA PHE A 10 3.95 16.63 7.61
C PHE A 10 4.14 17.80 8.59
N GLU A 11 3.19 18.76 8.60
CA GLU A 11 3.20 19.92 9.50
C GLU A 11 2.23 19.75 10.69
N GLU A 12 2.75 19.94 11.93
CA GLU A 12 2.05 19.80 13.23
C GLU A 12 0.74 20.59 13.32
N ARG A 13 0.70 21.77 12.68
CA ARG A 13 -0.47 22.68 12.66
C ARG A 13 -1.64 22.17 11.78
N HIS A 14 -1.39 21.13 10.95
CA HIS A 14 -2.41 20.54 10.08
C HIS A 14 -2.91 19.21 10.61
N LEU A 15 -2.31 18.73 11.72
CA LEU A 15 -2.71 17.50 12.41
C LEU A 15 -3.75 17.89 13.45
N LYS A 16 -4.99 17.55 13.17
CA LYS A 16 -6.13 17.84 14.02
C LYS A 16 -6.39 16.64 14.92
N PHE A 17 -6.42 16.87 16.24
CA PHE A 17 -6.66 15.81 17.20
C PHE A 17 -8.10 15.24 17.10
N LEU A 18 -8.23 13.91 16.94
CA LEU A 18 -9.53 13.22 16.89
C LEU A 18 -9.77 12.43 18.17
N GLN A 19 -8.83 11.56 18.52
CA GLN A 19 -8.90 10.75 19.75
C GLN A 19 -7.62 10.03 20.09
N GLN A 20 -7.48 9.71 21.39
CA GLN A 20 -6.40 8.93 21.96
C GLN A 20 -6.67 7.47 21.60
N LEU A 21 -5.67 6.78 21.03
CA LEU A 21 -5.82 5.35 20.71
C LEU A 21 -5.23 4.46 21.83
N GLY A 22 -4.23 4.97 22.53
CA GLY A 22 -3.60 4.29 23.66
C GLY A 22 -2.20 4.76 23.99
N GLY A 27 5.63 6.18 25.39
CA GLY A 27 4.91 7.11 24.52
C GLY A 27 3.40 6.90 24.39
N SER A 28 2.78 7.56 23.38
CA SER A 28 1.33 7.49 23.12
C SER A 28 0.98 7.48 21.63
N VAL A 29 -0.19 6.92 21.30
CA VAL A 29 -0.72 6.82 19.93
C VAL A 29 -2.05 7.55 19.84
N GLU A 30 -2.15 8.49 18.91
CA GLU A 30 -3.32 9.31 18.68
C GLU A 30 -3.83 9.18 17.27
N MET A 31 -5.14 9.29 17.10
CA MET A 31 -5.82 9.34 15.81
C MET A 31 -5.97 10.84 15.47
N CYS A 32 -5.45 11.24 14.31
CA CYS A 32 -5.47 12.62 13.83
C CYS A 32 -5.99 12.70 12.43
N ARG A 33 -6.40 13.91 12.05
CA ARG A 33 -6.75 14.20 10.68
C ARG A 33 -5.66 15.12 10.19
N TYR A 34 -4.96 14.72 9.12
CA TYR A 34 -3.97 15.57 8.47
C TYR A 34 -4.72 16.34 7.37
N ASP A 35 -5.19 17.56 7.72
CA ASP A 35 -5.99 18.44 6.86
C ASP A 35 -5.28 19.78 6.56
N PRO A 36 -4.27 19.79 5.64
CA PRO A 36 -3.56 21.07 5.37
C PRO A 36 -4.42 22.19 4.83
N LEU A 37 -5.32 21.88 3.91
CA LEU A 37 -6.18 22.92 3.32
C LEU A 37 -7.54 23.04 4.07
N GLN A 38 -7.48 23.11 5.42
CA GLN A 38 -8.59 23.23 6.37
C GLN A 38 -10.01 23.10 5.74
N ASP A 39 -10.61 21.87 5.77
CA ASP A 39 -11.95 21.55 5.18
C ASP A 39 -12.45 20.12 5.50
N ASN A 40 -11.75 19.38 6.38
CA ASN A 40 -12.05 17.99 6.81
C ASN A 40 -11.88 16.91 5.71
N THR A 41 -11.41 17.31 4.51
CA THR A 41 -11.17 16.41 3.37
C THR A 41 -9.91 15.57 3.60
N GLY A 42 -9.07 16.04 4.53
CA GLY A 42 -7.81 15.42 4.86
C GLY A 42 -7.96 14.02 5.39
N GLU A 43 -6.91 13.22 5.23
CA GLU A 43 -6.99 11.84 5.67
C GLU A 43 -6.65 11.64 7.16
N VAL A 44 -7.37 10.68 7.77
CA VAL A 44 -7.19 10.21 9.14
C VAL A 44 -5.95 9.30 9.17
N VAL A 45 -5.00 9.63 10.08
CA VAL A 45 -3.71 8.95 10.29
C VAL A 45 -3.51 8.62 11.78
N ALA A 46 -2.59 7.69 12.08
CA ALA A 46 -2.24 7.36 13.46
C ALA A 46 -0.88 8.01 13.71
N VAL A 47 -0.78 8.69 14.86
CA VAL A 47 0.40 9.46 15.26
C VAL A 47 0.99 8.91 16.54
N LYS A 48 2.24 8.45 16.47
CA LYS A 48 2.99 7.97 17.64
C LYS A 48 3.96 9.03 18.09
N LYS A 49 4.03 9.29 19.41
CA LYS A 49 4.94 10.27 20.01
C LYS A 49 5.46 9.75 21.35
N LEU A 50 6.55 10.33 21.88
CA LEU A 50 7.12 9.93 23.17
C LEU A 50 6.52 10.78 24.30
N GLN A 51 6.14 10.13 25.42
CA GLN A 51 5.58 10.82 26.58
C GLN A 51 6.72 11.44 27.45
N HIS A 52 7.63 10.58 27.97
CA HIS A 52 8.79 11.04 28.77
C HIS A 52 10.05 11.01 27.88
N SER A 53 10.12 11.98 26.96
CA SER A 53 11.18 12.12 25.97
C SER A 53 12.58 12.46 26.54
N THR A 54 13.45 11.42 26.58
CA THR A 54 14.85 11.50 27.01
C THR A 54 15.73 11.25 25.78
N GLU A 55 17.02 11.62 25.84
CA GLU A 55 18.00 11.44 24.74
C GLU A 55 18.11 9.96 24.33
N GLU A 56 18.08 9.04 25.30
CA GLU A 56 18.14 7.59 25.09
C GLU A 56 16.80 7.08 24.50
N HIS A 57 15.65 7.51 25.08
CA HIS A 57 14.31 7.13 24.60
C HIS A 57 14.07 7.63 23.17
N LEU A 58 14.62 8.81 22.83
CA LEU A 58 14.50 9.43 21.52
C LEU A 58 15.34 8.70 20.47
N ARG A 59 16.59 8.29 20.83
CA ARG A 59 17.53 7.60 19.93
C ARG A 59 17.01 6.26 19.45
N ASP A 60 16.26 5.55 20.30
CA ASP A 60 15.65 4.27 19.93
C ASP A 60 14.40 4.48 19.08
N PHE A 61 13.71 5.62 19.28
CA PHE A 61 12.51 6.00 18.54
C PHE A 61 12.85 6.36 17.07
N GLU A 62 14.04 6.92 16.81
CA GLU A 62 14.49 7.23 15.46
C GLU A 62 14.85 5.95 14.70
N ARG A 63 15.41 4.95 15.43
CA ARG A 63 15.75 3.63 14.89
C ARG A 63 14.48 2.86 14.51
N GLU A 64 13.40 3.04 15.29
CA GLU A 64 12.06 2.46 15.10
C GLU A 64 11.45 3.07 13.84
N ILE A 65 11.58 4.42 13.68
CA ILE A 65 11.11 5.20 12.51
C ILE A 65 11.87 4.75 11.27
N GLU A 66 13.19 4.49 11.40
CA GLU A 66 14.00 4.02 10.27
C GLU A 66 13.64 2.60 9.88
N ILE A 67 13.39 1.74 10.87
CA ILE A 67 12.96 0.37 10.66
C ILE A 67 11.58 0.37 9.94
N LEU A 68 10.61 1.18 10.41
CA LEU A 68 9.30 1.21 9.75
C LEU A 68 9.33 1.68 8.30
N LYS A 69 10.09 2.75 8.03
CA LYS A 69 10.30 3.35 6.71
C LYS A 69 10.90 2.30 5.74
N SER A 70 11.84 1.47 6.22
CA SER A 70 12.50 0.45 5.41
C SER A 70 11.60 -0.76 5.08
N LEU A 71 10.44 -0.88 5.76
CA LEU A 71 9.52 -2.01 5.57
C LEU A 71 8.35 -1.72 4.63
N GLN A 72 8.24 -2.55 3.59
CA GLN A 72 7.21 -2.45 2.54
C GLN A 72 6.57 -3.83 2.38
N HIS A 73 5.46 -4.04 3.13
CA HIS A 73 4.73 -5.31 3.13
C HIS A 73 3.23 -5.15 3.48
N ASP A 74 2.39 -6.00 2.87
CA ASP A 74 0.95 -6.10 3.07
C ASP A 74 0.52 -6.30 4.53
N ASN A 75 1.38 -7.02 5.31
CA ASN A 75 1.09 -7.34 6.70
C ASN A 75 1.97 -6.58 7.68
N ILE A 76 2.39 -5.36 7.29
CA ILE A 76 3.16 -4.41 8.11
C ILE A 76 2.53 -3.03 7.94
N VAL A 77 2.16 -2.38 9.08
CA VAL A 77 1.56 -1.04 9.13
C VAL A 77 2.41 -0.06 8.29
N LYS A 78 1.77 0.67 7.34
CA LYS A 78 2.47 1.60 6.44
C LYS A 78 2.91 2.89 7.12
N TYR A 79 4.20 3.18 6.94
CA TYR A 79 4.88 4.41 7.34
C TYR A 79 4.37 5.52 6.39
N LYS A 80 4.05 6.71 6.93
CA LYS A 80 3.57 7.81 6.09
C LYS A 80 4.56 8.99 6.08
N GLY A 81 5.18 9.24 7.22
CA GLY A 81 6.17 10.30 7.41
C GLY A 81 6.47 10.62 8.86
N VAL A 82 7.09 11.77 9.09
CA VAL A 82 7.47 12.22 10.44
C VAL A 82 7.02 13.66 10.69
N CYS A 83 7.10 14.13 11.94
CA CYS A 83 6.62 15.46 12.31
C CYS A 83 7.38 16.10 13.48
N TYR A 84 8.17 17.16 13.18
CA TYR A 84 8.92 17.95 14.15
C TYR A 84 8.44 19.40 14.11
N ASN A 90 10.23 17.83 18.68
CA ASN A 90 9.13 17.06 19.26
C ASN A 90 8.56 16.04 18.21
N LEU A 91 9.42 15.04 17.94
CA LEU A 91 9.30 13.98 16.95
C LEU A 91 8.04 13.13 17.09
N LYS A 92 7.29 13.05 15.98
CA LYS A 92 6.05 12.30 15.85
C LYS A 92 6.13 11.41 14.61
N LEU A 93 5.83 10.11 14.78
CA LEU A 93 5.81 9.13 13.69
C LEU A 93 4.37 9.06 13.16
N ILE A 94 4.20 9.31 11.84
CA ILE A 94 2.91 9.32 11.19
C ILE A 94 2.76 8.04 10.40
N MET A 95 1.66 7.30 10.69
CA MET A 95 1.34 6.02 10.06
C MET A 95 -0.08 6.02 9.54
N GLU A 96 -0.39 5.04 8.66
CA GLU A 96 -1.73 4.82 8.12
C GLU A 96 -2.61 4.42 9.31
N TYR A 97 -3.92 4.72 9.24
CA TYR A 97 -4.85 4.39 10.30
C TYR A 97 -5.58 3.11 9.95
N LEU A 98 -5.51 2.10 10.86
CA LEU A 98 -6.18 0.80 10.70
C LEU A 98 -7.36 0.86 11.65
N PRO A 99 -8.59 0.79 11.10
CA PRO A 99 -9.79 1.09 11.91
C PRO A 99 -10.35 0.08 12.91
N TYR A 100 -9.92 -1.18 12.87
CA TYR A 100 -10.53 -2.16 13.76
C TYR A 100 -9.69 -2.47 15.04
N GLY A 101 -8.61 -1.73 15.25
CA GLY A 101 -7.80 -1.85 16.44
C GLY A 101 -6.90 -3.06 16.49
N SER A 102 -6.43 -3.40 17.72
CA SER A 102 -5.57 -4.57 17.89
C SER A 102 -6.37 -5.84 17.72
N LEU A 103 -5.68 -6.90 17.24
CA LEU A 103 -6.23 -8.23 17.06
C LEU A 103 -6.73 -8.74 18.41
N ARG A 104 -6.00 -8.42 19.51
CA ARG A 104 -6.36 -8.75 20.89
C ARG A 104 -7.76 -8.23 21.24
N ASP A 105 -8.07 -6.97 20.88
CA ASP A 105 -9.40 -6.39 21.13
C ASP A 105 -10.45 -6.88 20.16
N TYR A 106 -10.11 -6.94 18.85
CA TYR A 106 -11.00 -7.37 17.76
C TYR A 106 -11.52 -8.79 17.97
N LEU A 107 -10.64 -9.69 18.48
CA LEU A 107 -11.01 -11.07 18.81
C LEU A 107 -12.00 -11.15 19.96
N GLN A 108 -11.79 -10.35 21.01
CA GLN A 108 -12.69 -10.27 22.16
C GLN A 108 -14.05 -9.74 21.72
N ALA A 109 -14.05 -8.67 20.91
CA ALA A 109 -15.25 -8.03 20.40
C ALA A 109 -16.09 -8.87 19.43
N HIS A 110 -15.49 -9.31 18.30
CA HIS A 110 -16.20 -10.04 17.24
C HIS A 110 -15.98 -11.56 17.17
N ALA A 111 -15.63 -12.21 18.29
CA ALA A 111 -15.42 -13.67 18.35
C ALA A 111 -16.48 -14.53 17.62
N GLU A 112 -17.75 -14.10 17.66
CA GLU A 112 -18.90 -14.77 17.03
C GLU A 112 -18.72 -14.95 15.53
N ARG A 113 -18.17 -13.94 14.82
CA ARG A 113 -17.92 -14.02 13.37
C ARG A 113 -16.48 -14.52 13.03
N ILE A 114 -15.73 -14.99 14.03
CA ILE A 114 -14.39 -15.51 13.82
C ILE A 114 -14.35 -17.03 14.04
N ASP A 115 -14.14 -17.77 12.95
CA ASP A 115 -14.03 -19.24 13.03
C ASP A 115 -12.55 -19.62 12.94
N HIS A 116 -12.23 -20.91 13.08
CA HIS A 116 -10.85 -21.40 13.03
C HIS A 116 -10.15 -21.10 11.69
N ILE A 117 -10.91 -21.08 10.56
CA ILE A 117 -10.41 -20.74 9.22
C ILE A 117 -9.91 -19.29 9.22
N LYS A 118 -10.66 -18.38 9.86
CA LYS A 118 -10.32 -16.96 10.00
C LYS A 118 -9.06 -16.79 10.89
N LEU A 119 -9.01 -17.48 12.04
CA LEU A 119 -7.83 -17.47 12.92
C LEU A 119 -6.60 -17.90 12.15
N LEU A 120 -6.73 -18.90 11.26
CA LEU A 120 -5.59 -19.38 10.48
C LEU A 120 -5.22 -18.44 9.34
N GLN A 121 -6.19 -17.69 8.81
CA GLN A 121 -5.94 -16.66 7.80
C GLN A 121 -5.07 -15.57 8.45
N TYR A 122 -5.44 -15.10 9.67
CA TYR A 122 -4.66 -14.12 10.44
C TYR A 122 -3.26 -14.65 10.75
N THR A 123 -3.17 -15.93 11.23
CA THR A 123 -1.92 -16.62 11.58
C THR A 123 -0.95 -16.56 10.43
N SER A 124 -1.43 -16.92 9.22
CA SER A 124 -0.68 -16.99 7.98
C SER A 124 -0.04 -15.66 7.60
N GLN A 125 -0.82 -14.58 7.75
CA GLN A 125 -0.47 -13.18 7.48
C GLN A 125 0.62 -12.70 8.43
N ILE A 126 0.51 -13.06 9.73
CA ILE A 126 1.52 -12.77 10.76
C ILE A 126 2.85 -13.43 10.38
N CYS A 127 2.83 -14.71 9.94
CA CYS A 127 4.02 -15.44 9.47
C CYS A 127 4.66 -14.75 8.31
N LYS A 128 3.85 -14.42 7.28
CA LYS A 128 4.31 -13.74 6.06
C LYS A 128 5.01 -12.42 6.39
N GLY A 129 4.40 -11.62 7.27
CA GLY A 129 5.01 -10.37 7.73
C GLY A 129 6.30 -10.61 8.47
N MET A 130 6.33 -11.69 9.30
CA MET A 130 7.51 -12.09 10.09
C MET A 130 8.63 -12.63 9.21
N GLU A 131 8.27 -13.40 8.19
CA GLU A 131 9.21 -13.93 7.20
C GLU A 131 9.93 -12.77 6.48
N TYR A 132 9.17 -11.69 6.16
CA TYR A 132 9.67 -10.48 5.53
C TYR A 132 10.65 -9.74 6.44
N LEU A 133 10.31 -9.55 7.73
CA LEU A 133 11.18 -8.95 8.75
C LEU A 133 12.54 -9.65 8.76
N GLY A 134 12.50 -10.99 8.70
CA GLY A 134 13.67 -11.88 8.68
C GLY A 134 14.64 -11.59 7.56
N THR A 135 14.13 -11.19 6.37
CA THR A 135 15.00 -10.88 5.22
C THR A 135 15.74 -9.54 5.40
N LYS A 136 15.26 -8.72 6.34
CA LYS A 136 15.82 -7.42 6.66
C LYS A 136 16.73 -7.55 7.89
N ARG A 137 16.83 -8.80 8.41
CA ARG A 137 17.59 -9.19 9.61
C ARG A 137 17.08 -8.44 10.87
N TYR A 138 15.76 -8.19 10.91
CA TYR A 138 15.13 -7.47 12.03
C TYR A 138 14.49 -8.45 12.97
N ILE A 139 14.60 -8.18 14.27
CA ILE A 139 14.04 -9.01 15.33
C ILE A 139 12.95 -8.21 16.00
N HIS A 140 11.71 -8.68 15.90
CA HIS A 140 10.56 -7.97 16.45
C HIS A 140 10.62 -7.80 17.98
N ARG A 141 10.85 -8.88 18.76
CA ARG A 141 10.97 -8.87 20.24
C ARG A 141 9.66 -8.67 21.01
N ASP A 142 8.56 -8.36 20.33
CA ASP A 142 7.31 -8.07 21.02
C ASP A 142 6.10 -8.62 20.26
N LEU A 143 6.24 -9.81 19.66
CA LEU A 143 5.15 -10.44 18.93
C LEU A 143 4.09 -10.86 19.93
N ALA A 144 2.93 -10.22 19.88
CA ALA A 144 1.77 -10.49 20.75
C ALA A 144 0.57 -9.98 19.99
N THR A 145 -0.63 -10.54 20.22
CA THR A 145 -1.84 -10.08 19.52
C THR A 145 -2.13 -8.59 19.76
N ARG A 146 -1.65 -8.00 20.88
CA ARG A 146 -1.85 -6.59 21.20
C ARG A 146 -1.07 -5.68 20.26
N ASN A 147 -0.06 -6.24 19.58
CA ASN A 147 0.80 -5.50 18.63
C ASN A 147 0.48 -5.81 17.16
N ILE A 148 -0.70 -6.42 16.93
CA ILE A 148 -1.19 -6.77 15.61
C ILE A 148 -2.45 -5.94 15.41
N LEU A 149 -2.53 -5.20 14.32
CA LEU A 149 -3.70 -4.37 14.00
C LEU A 149 -4.55 -4.99 12.92
N VAL A 150 -5.85 -4.71 12.97
CA VAL A 150 -6.83 -5.19 12.02
C VAL A 150 -7.18 -4.09 11.00
N GLU A 151 -6.85 -4.34 9.71
CA GLU A 151 -7.13 -3.38 8.63
C GLU A 151 -8.62 -3.47 8.26
N ASN A 152 -9.07 -4.72 7.99
CA ASN A 152 -10.43 -5.11 7.67
C ASN A 152 -10.61 -6.56 8.13
N GLU A 153 -11.80 -7.15 7.95
CA GLU A 153 -12.11 -8.52 8.37
C GLU A 153 -11.24 -9.62 7.71
N ASN A 154 -10.50 -9.26 6.65
CA ASN A 154 -9.66 -10.21 5.93
C ASN A 154 -8.16 -9.88 5.94
N ARG A 155 -7.73 -8.84 6.69
CA ARG A 155 -6.31 -8.48 6.72
C ARG A 155 -5.88 -7.89 8.01
N VAL A 156 -4.76 -8.39 8.50
CA VAL A 156 -4.12 -7.95 9.74
C VAL A 156 -2.68 -7.50 9.43
N LYS A 157 -2.13 -6.61 10.27
CA LYS A 157 -0.76 -6.13 10.08
C LYS A 157 -0.03 -6.05 11.41
N ILE A 158 1.30 -6.25 11.41
CA ILE A 158 2.11 -6.04 12.61
C ILE A 158 2.11 -4.52 12.74
N GLY A 159 1.56 -4.03 13.85
CA GLY A 159 1.32 -2.61 14.07
C GLY A 159 2.26 -1.81 14.92
N ASP A 160 3.20 -2.46 15.58
CA ASP A 160 4.15 -1.76 16.43
C ASP A 160 5.53 -2.38 16.33
N PHE A 161 6.56 -1.53 16.22
CA PHE A 161 7.97 -1.92 16.08
C PHE A 161 8.90 -1.25 17.11
N GLY A 162 8.34 -0.92 18.29
CA GLY A 162 9.02 -0.24 19.38
C GLY A 162 10.21 -0.94 20.01
N LEU A 163 10.21 -2.28 20.02
CA LEU A 163 11.28 -3.09 20.59
C LEU A 163 12.14 -3.76 19.52
N THR A 164 11.84 -3.53 18.24
CA THR A 164 12.54 -4.15 17.11
C THR A 164 14.01 -3.77 17.05
N LYS A 165 14.88 -4.79 16.88
CA LYS A 165 16.33 -4.66 16.81
C LYS A 165 16.86 -5.21 15.50
N VAL A 166 17.98 -4.65 15.02
CA VAL A 166 18.67 -5.12 13.82
C VAL A 166 19.79 -6.05 14.29
N LEU A 167 19.85 -7.26 13.70
CA LEU A 167 20.91 -8.22 14.02
C LEU A 167 22.26 -7.65 13.66
N PRO A 168 23.30 -7.94 14.48
CA PRO A 168 24.67 -7.56 14.10
C PRO A 168 25.01 -8.31 12.82
N GLN A 169 25.79 -7.70 11.91
CA GLN A 169 26.18 -8.27 10.63
C GLN A 169 26.75 -9.70 10.73
N ASP A 170 27.54 -9.98 11.77
CA ASP A 170 28.22 -11.25 11.99
C ASP A 170 27.60 -12.20 13.05
N LYS A 171 26.51 -11.80 13.72
CA LYS A 171 25.83 -12.62 14.75
C LYS A 171 24.38 -12.92 14.38
N GLU A 172 23.87 -14.12 14.77
CA GLU A 172 22.49 -14.54 14.53
C GLU A 172 21.56 -14.14 15.68
N PTR A 173 22.08 -13.43 16.68
CA PTR A 173 21.30 -12.96 17.83
C PTR A 173 21.68 -11.54 18.23
O PTR A 173 22.69 -11.04 17.78
CB PTR A 173 21.39 -13.98 19.04
CG PTR A 173 22.79 -14.02 19.60
CD1 PTR A 173 23.16 -13.08 20.59
CD2 PTR A 173 23.71 -15.00 19.13
CE1 PTR A 173 24.48 -13.09 21.09
CE2 PTR A 173 25.02 -15.01 19.64
CZ PTR A 173 25.42 -14.04 20.65
OH PTR A 173 26.68 -13.89 21.24
P PTR A 173 27.54 -15.15 21.41
O1P PTR A 173 26.75 -16.17 22.20
O2P PTR A 173 28.82 -14.85 22.19
O3P PTR A 173 27.98 -15.68 20.04
N PTR A 174 20.91 -10.96 19.19
CA PTR A 174 21.14 -9.65 19.78
C PTR A 174 20.96 -9.72 21.30
O PTR A 174 20.10 -10.46 21.75
CB PTR A 174 20.14 -8.62 19.18
CG PTR A 174 20.33 -7.16 19.58
CD1 PTR A 174 20.89 -6.23 18.68
CD2 PTR A 174 19.87 -6.70 20.85
CE1 PTR A 174 21.04 -4.88 19.07
CE2 PTR A 174 20.03 -5.37 21.25
CZ PTR A 174 20.63 -4.44 20.39
OH PTR A 174 20.65 -3.16 20.92
P PTR A 174 21.79 -2.15 20.70
O1P PTR A 174 21.92 -1.76 19.19
O2P PTR A 174 23.17 -2.63 21.28
O3P PTR A 174 21.24 -0.94 21.46
N LYS A 175 21.74 -8.94 22.07
CA LYS A 175 21.68 -8.87 23.54
C LYS A 175 21.20 -7.50 24.01
N VAL A 176 20.14 -7.47 24.86
CA VAL A 176 19.55 -6.23 25.40
C VAL A 176 19.91 -6.05 26.89
N GLU A 181 10.93 -3.35 32.22
CA GLU A 181 9.65 -4.00 31.96
C GLU A 181 9.70 -4.76 30.62
N SER A 182 9.56 -6.09 30.67
CA SER A 182 9.60 -6.96 29.49
C SER A 182 8.39 -7.92 29.42
N PRO A 183 7.91 -8.31 28.23
CA PRO A 183 6.77 -9.26 28.17
C PRO A 183 7.22 -10.72 28.40
N ILE A 184 7.61 -11.05 29.64
CA ILE A 184 8.23 -12.34 30.05
C ILE A 184 7.44 -13.58 29.65
N PHE A 185 6.11 -13.50 29.61
CA PHE A 185 5.27 -14.67 29.30
C PHE A 185 5.21 -14.99 27.79
N TRP A 186 5.86 -14.15 26.96
CA TRP A 186 5.98 -14.33 25.52
C TRP A 186 7.42 -14.66 25.13
N TYR A 187 8.36 -14.56 26.11
CA TYR A 187 9.80 -14.73 25.93
C TYR A 187 10.31 -16.13 25.90
N ALA A 188 11.29 -16.37 25.02
CA ALA A 188 11.96 -17.66 24.88
C ALA A 188 12.85 -17.85 26.12
N PRO A 189 13.22 -19.11 26.48
CA PRO A 189 14.08 -19.30 27.67
C PRO A 189 15.39 -18.54 27.63
N GLU A 190 16.08 -18.54 26.47
CA GLU A 190 17.37 -17.84 26.31
C GLU A 190 17.23 -16.31 26.36
N SER A 191 16.04 -15.79 26.07
CA SER A 191 15.77 -14.35 26.17
C SER A 191 15.68 -13.95 27.63
N LEU A 192 15.14 -14.87 28.48
CA LEU A 192 14.97 -14.69 29.91
C LEU A 192 16.28 -14.89 30.65
N THR A 193 17.05 -15.93 30.26
CA THR A 193 18.31 -16.28 30.90
C THR A 193 19.52 -15.51 30.40
N GLU A 194 19.58 -15.19 29.10
CA GLU A 194 20.75 -14.51 28.51
C GLU A 194 20.46 -13.20 27.78
N SER A 195 19.19 -12.76 27.74
CA SER A 195 18.76 -11.55 26.99
C SER A 195 19.12 -11.67 25.50
N LYS A 196 19.04 -12.91 24.95
CA LYS A 196 19.37 -13.22 23.56
C LYS A 196 18.13 -13.21 22.68
N PHE A 197 18.08 -12.32 21.69
CA PHE A 197 16.94 -12.20 20.77
C PHE A 197 17.33 -12.53 19.34
N SER A 198 16.56 -13.41 18.71
CA SER A 198 16.81 -13.87 17.36
C SER A 198 15.48 -14.16 16.66
N VAL A 199 15.56 -14.67 15.41
CA VAL A 199 14.39 -15.08 14.62
C VAL A 199 13.71 -16.21 15.38
N ALA A 200 14.51 -17.13 15.95
CA ALA A 200 14.07 -18.27 16.75
C ALA A 200 13.30 -17.85 18.01
N SER A 201 13.69 -16.71 18.66
CA SER A 201 12.93 -16.20 19.81
C SER A 201 11.63 -15.54 19.29
N ASP A 202 11.65 -14.95 18.08
CA ASP A 202 10.42 -14.43 17.45
C ASP A 202 9.50 -15.58 17.11
N VAL A 203 10.06 -16.73 16.68
CA VAL A 203 9.31 -17.96 16.41
C VAL A 203 8.63 -18.43 17.72
N TRP A 204 9.40 -18.49 18.85
CA TRP A 204 8.88 -18.85 20.18
C TRP A 204 7.63 -18.00 20.48
N SER A 205 7.70 -16.65 20.34
CA SER A 205 6.60 -15.70 20.61
C SER A 205 5.44 -15.89 19.65
N PHE A 206 5.72 -16.21 18.38
CA PHE A 206 4.69 -16.53 17.40
C PHE A 206 3.83 -17.72 17.93
N GLY A 207 4.48 -18.70 18.58
CA GLY A 207 3.80 -19.84 19.19
C GLY A 207 2.86 -19.37 20.27
N VAL A 208 3.21 -18.30 21.00
CA VAL A 208 2.36 -17.74 22.07
C VAL A 208 1.23 -16.97 21.40
N VAL A 209 1.54 -16.22 20.32
CA VAL A 209 0.52 -15.51 19.52
C VAL A 209 -0.54 -16.51 19.01
N LEU A 210 -0.10 -17.68 18.50
CA LEU A 210 -0.97 -18.75 17.98
C LEU A 210 -1.86 -19.32 19.10
N TYR A 211 -1.30 -19.41 20.30
CA TYR A 211 -1.99 -19.88 21.48
C TYR A 211 -3.07 -18.84 21.84
N GLU A 212 -2.70 -17.54 21.90
CA GLU A 212 -3.65 -16.45 22.18
C GLU A 212 -4.85 -16.49 21.26
N LEU A 213 -4.58 -16.59 19.94
CA LEU A 213 -5.61 -16.67 18.91
C LEU A 213 -6.59 -17.79 19.22
N PHE A 214 -6.09 -19.01 19.47
CA PHE A 214 -6.93 -20.17 19.74
C PHE A 214 -7.56 -20.18 21.16
N THR A 215 -7.23 -19.20 22.00
CA THR A 215 -7.94 -19.03 23.28
C THR A 215 -9.06 -17.99 23.05
N TYR A 216 -9.02 -17.25 21.92
CA TYR A 216 -9.98 -16.18 21.55
C TYR A 216 -9.92 -15.06 22.61
N ILE A 217 -8.75 -14.93 23.26
CA ILE A 217 -8.38 -14.02 24.36
C ILE A 217 -9.31 -14.22 25.62
N GLU A 218 -9.79 -15.46 25.89
CA GLU A 218 -10.60 -15.79 27.06
C GLU A 218 -9.66 -15.39 28.22
N LYS A 219 -10.08 -14.37 29.02
CA LYS A 219 -9.28 -13.68 30.06
C LYS A 219 -8.44 -14.58 30.99
N SER A 220 -9.07 -15.64 31.52
CA SER A 220 -8.52 -16.66 32.41
C SER A 220 -7.48 -17.55 31.70
N LYS A 221 -7.50 -17.56 30.37
CA LYS A 221 -6.67 -18.43 29.57
C LYS A 221 -5.47 -17.74 28.96
N SER A 222 -5.23 -16.47 29.29
CA SER A 222 -4.09 -15.71 28.76
C SER A 222 -2.74 -16.29 29.21
N PRO A 223 -1.64 -16.07 28.41
CA PRO A 223 -0.31 -16.56 28.84
C PRO A 223 0.09 -16.12 30.27
N PRO A 224 -0.12 -14.85 30.74
CA PRO A 224 0.19 -14.55 32.14
C PRO A 224 -0.65 -15.35 33.14
N ALA A 225 -1.97 -15.44 32.94
CA ALA A 225 -2.89 -16.20 33.83
C ALA A 225 -2.53 -17.68 33.97
N GLU A 226 -2.27 -18.36 32.82
CA GLU A 226 -1.89 -19.78 32.75
C GLU A 226 -0.56 -20.08 33.37
N PHE A 227 0.48 -19.34 32.95
CA PHE A 227 1.82 -19.51 33.52
C PHE A 227 1.82 -19.27 35.02
N MET A 228 1.07 -18.25 35.52
CA MET A 228 0.98 -17.97 36.96
C MET A 228 0.38 -19.14 37.76
N ARG A 229 -0.60 -19.84 37.19
CA ARG A 229 -1.27 -20.99 37.78
C ARG A 229 -0.29 -22.13 37.91
N MET A 230 0.53 -22.33 36.86
CA MET A 230 1.56 -23.37 36.77
C MET A 230 2.74 -23.14 37.70
N ILE A 231 3.09 -21.87 37.96
CA ILE A 231 4.18 -21.43 38.85
C ILE A 231 3.70 -21.38 40.31
N GLY A 232 2.46 -20.94 40.50
CA GLY A 232 1.81 -20.71 41.77
C GLY A 232 1.49 -19.23 41.82
N ASN A 233 0.20 -18.88 42.05
CA ASN A 233 -0.26 -17.48 42.10
C ASN A 233 0.30 -16.68 43.31
N ASP A 234 0.91 -17.42 44.26
CA ASP A 234 1.56 -16.91 45.46
C ASP A 234 2.90 -16.18 45.15
N LYS A 235 3.57 -16.56 44.04
CA LYS A 235 4.87 -16.01 43.63
C LYS A 235 4.78 -14.53 43.22
N GLN A 236 5.73 -13.72 43.71
CA GLN A 236 5.75 -12.27 43.51
C GLN A 236 7.06 -11.69 42.95
N GLY A 237 6.89 -10.63 42.14
CA GLY A 237 7.91 -9.81 41.51
C GLY A 237 9.12 -10.46 40.86
N GLN A 238 10.22 -10.49 41.60
CA GLN A 238 11.51 -11.01 41.14
C GLN A 238 11.56 -12.51 41.08
N MET A 239 10.74 -13.17 41.92
CA MET A 239 10.67 -14.63 41.99
C MET A 239 9.97 -15.27 40.78
N ILE A 240 8.94 -14.60 40.22
CA ILE A 240 8.17 -15.06 39.05
C ILE A 240 9.08 -15.49 37.88
N VAL A 241 10.06 -14.64 37.50
CA VAL A 241 11.00 -14.87 36.40
C VAL A 241 11.81 -16.18 36.58
N PHE A 242 12.44 -16.36 37.75
CA PHE A 242 13.21 -17.56 38.07
C PHE A 242 12.31 -18.82 37.97
N HIS A 243 11.11 -18.76 38.58
CA HIS A 243 10.15 -19.84 38.56
C HIS A 243 9.64 -20.17 37.14
N LEU A 244 9.47 -19.13 36.29
CA LEU A 244 9.10 -19.29 34.89
C LEU A 244 10.25 -19.94 34.13
N ILE A 245 11.51 -19.51 34.38
CA ILE A 245 12.70 -20.07 33.76
C ILE A 245 12.78 -21.59 34.05
N GLU A 246 12.55 -21.97 35.33
CA GLU A 246 12.56 -23.34 35.83
C GLU A 246 11.48 -24.19 35.21
N LEU A 247 10.26 -23.64 35.11
CA LEU A 247 9.10 -24.30 34.49
C LEU A 247 9.40 -24.66 33.04
N LEU A 248 9.94 -23.69 32.28
CA LEU A 248 10.26 -23.90 30.87
C LEU A 248 11.34 -24.94 30.69
N LYS A 249 12.35 -24.96 31.61
CA LYS A 249 13.48 -25.89 31.61
C LYS A 249 13.00 -27.33 31.88
N ASN A 250 11.96 -27.47 32.73
CA ASN A 250 11.35 -28.75 33.08
C ASN A 250 10.18 -29.09 32.15
N ASN A 251 10.24 -28.56 30.91
CA ASN A 251 9.31 -28.72 29.80
C ASN A 251 7.82 -28.45 30.12
N GLY A 252 7.58 -27.57 31.09
CA GLY A 252 6.25 -27.08 31.39
C GLY A 252 5.88 -26.15 30.26
N ARG A 253 4.66 -26.27 29.74
CA ARG A 253 4.21 -25.47 28.60
C ARG A 253 2.78 -25.02 28.77
N LEU A 254 2.38 -24.00 27.99
CA LEU A 254 0.99 -23.54 28.00
C LEU A 254 0.10 -24.71 27.56
N PRO A 255 -1.08 -24.93 28.18
CA PRO A 255 -1.90 -26.07 27.75
C PRO A 255 -2.50 -25.88 26.36
N ARG A 256 -3.12 -26.94 25.82
CA ARG A 256 -3.79 -26.84 24.54
C ARG A 256 -5.13 -26.11 24.80
N PRO A 257 -5.39 -24.98 24.11
CA PRO A 257 -6.68 -24.29 24.30
C PRO A 257 -7.86 -25.18 23.92
N ASP A 258 -9.02 -24.99 24.58
CA ASP A 258 -10.22 -25.76 24.27
C ASP A 258 -10.62 -25.58 22.82
N GLY A 259 -10.82 -26.70 22.12
CA GLY A 259 -11.17 -26.68 20.70
C GLY A 259 -10.00 -26.46 19.77
N CYS A 260 -8.79 -26.30 20.32
CA CYS A 260 -7.65 -26.12 19.45
C CYS A 260 -7.30 -27.44 18.75
N PRO A 261 -7.27 -27.45 17.39
CA PRO A 261 -6.95 -28.71 16.69
C PRO A 261 -5.53 -29.17 17.06
N ASP A 262 -5.37 -30.49 17.34
CA ASP A 262 -4.08 -31.06 17.74
C ASP A 262 -2.92 -30.69 16.82
N GLU A 263 -3.15 -30.63 15.50
CA GLU A 263 -2.13 -30.22 14.53
C GLU A 263 -1.71 -28.78 14.74
N ILE A 264 -2.61 -27.92 15.25
CA ILE A 264 -2.30 -26.51 15.55
C ILE A 264 -1.44 -26.44 16.83
N TYR A 265 -1.79 -27.25 17.87
CA TYR A 265 -1.07 -27.34 19.13
C TYR A 265 0.36 -27.89 18.94
N MET A 266 0.53 -28.81 18.00
CA MET A 266 1.84 -29.38 17.64
C MET A 266 2.76 -28.29 17.04
N ILE A 267 2.19 -27.34 16.28
CA ILE A 267 2.95 -26.21 15.73
C ILE A 267 3.42 -25.34 16.93
N MET A 268 2.52 -25.06 17.89
CA MET A 268 2.85 -24.25 19.08
C MET A 268 4.00 -24.89 19.83
N THR A 269 3.88 -26.20 20.19
CA THR A 269 4.88 -26.95 20.95
C THR A 269 6.25 -27.01 20.22
N GLU A 270 6.23 -27.04 18.88
CA GLU A 270 7.45 -27.04 18.05
C GLU A 270 8.12 -25.66 18.12
N CYS A 271 7.31 -24.58 18.18
CA CYS A 271 7.80 -23.20 18.32
C CYS A 271 8.41 -23.03 19.71
N TRP A 272 7.87 -23.77 20.70
CA TRP A 272 8.34 -23.73 22.08
C TRP A 272 9.39 -24.79 22.38
N ASN A 273 10.31 -25.01 21.45
CA ASN A 273 11.39 -25.95 21.68
C ASN A 273 12.50 -25.22 22.47
N ASN A 274 13.08 -25.85 23.51
CA ASN A 274 14.16 -25.22 24.28
C ASN A 274 15.42 -25.11 23.42
N ASN A 275 15.53 -25.98 22.39
CA ASN A 275 16.63 -25.99 21.44
C ASN A 275 16.30 -24.99 20.34
N VAL A 276 16.96 -23.83 20.41
CA VAL A 276 16.82 -22.67 19.52
C VAL A 276 16.89 -23.04 18.02
N ASN A 277 17.81 -23.95 17.64
CA ASN A 277 18.02 -24.39 16.25
C ASN A 277 16.96 -25.37 15.74
N GLN A 278 16.22 -26.02 16.65
CA GLN A 278 15.18 -26.98 16.31
C GLN A 278 13.82 -26.30 16.06
N ARG A 279 13.72 -25.00 16.36
CA ARG A 279 12.50 -24.22 16.15
C ARG A 279 12.23 -24.02 14.65
N PRO A 280 10.95 -24.08 14.18
CA PRO A 280 10.70 -23.95 12.73
C PRO A 280 10.95 -22.55 12.20
N SER A 281 11.01 -22.43 10.87
CA SER A 281 11.18 -21.17 10.20
C SER A 281 9.78 -20.61 9.91
N PHE A 282 9.66 -19.27 9.73
CA PHE A 282 8.39 -18.63 9.41
C PHE A 282 7.84 -19.07 8.06
N ARG A 283 8.76 -19.47 7.14
CA ARG A 283 8.44 -20.00 5.81
C ARG A 283 7.64 -21.30 5.99
N ASP A 284 8.26 -22.30 6.64
CA ASP A 284 7.65 -23.61 6.92
C ASP A 284 6.33 -23.48 7.69
N LEU A 285 6.27 -22.54 8.66
CA LEU A 285 5.08 -22.29 9.47
C LEU A 285 3.92 -21.80 8.64
N ALA A 286 4.16 -20.82 7.74
CA ALA A 286 3.12 -20.27 6.85
C ALA A 286 2.58 -21.37 5.93
N LEU A 287 3.48 -22.21 5.36
CA LEU A 287 3.12 -23.32 4.49
C LEU A 287 2.25 -24.32 5.24
N ARG A 288 2.68 -24.75 6.47
CA ARG A 288 1.94 -25.69 7.33
C ARG A 288 0.54 -25.15 7.69
N VAL A 289 0.46 -23.87 8.08
CA VAL A 289 -0.80 -23.19 8.42
C VAL A 289 -1.71 -23.13 7.18
N ASP A 290 -1.14 -22.78 6.00
CA ASP A 290 -1.92 -22.70 4.75
C ASP A 290 -2.52 -24.04 4.35
N GLN A 291 -1.77 -25.17 4.55
CA GLN A 291 -2.20 -26.54 4.26
C GLN A 291 -3.36 -26.95 5.17
N ILE A 292 -3.22 -26.73 6.50
CA ILE A 292 -4.27 -27.01 7.51
C ILE A 292 -5.57 -26.26 7.13
N ARG A 293 -5.43 -24.96 6.81
CA ARG A 293 -6.49 -24.04 6.41
C ARG A 293 -7.27 -24.61 5.20
N ASP A 294 -6.54 -25.10 4.19
CA ASP A 294 -7.12 -25.69 2.97
C ASP A 294 -7.81 -27.03 3.24
N GLN A 295 -7.24 -27.85 4.17
CA GLN A 295 -7.80 -29.14 4.58
C GLN A 295 -9.02 -28.98 5.55
N MET A 296 -9.30 -27.71 5.96
CA MET A 296 -10.40 -27.33 6.85
C MET A 296 -11.70 -27.00 6.11
N GLN B 9 -17.26 29.89 -4.53
CA GLN B 9 -17.82 30.49 -5.74
C GLN B 9 -16.74 31.19 -6.58
N PHE B 10 -16.66 30.84 -7.86
CA PHE B 10 -15.68 31.39 -8.80
C PHE B 10 -16.37 32.21 -9.89
N GLU B 11 -16.21 33.55 -9.86
CA GLU B 11 -16.79 34.48 -10.83
C GLU B 11 -15.86 34.67 -12.02
N GLU B 12 -16.44 34.60 -13.24
CA GLU B 12 -15.79 34.76 -14.56
C GLU B 12 -14.89 36.01 -14.68
N ARG B 13 -15.37 37.15 -14.12
CA ARG B 13 -14.66 38.43 -14.14
C ARG B 13 -13.37 38.47 -13.29
N HIS B 14 -13.14 37.46 -12.41
CA HIS B 14 -11.94 37.44 -11.55
C HIS B 14 -10.89 36.41 -11.99
N LEU B 15 -11.03 35.84 -13.20
CA LEU B 15 -10.05 34.92 -13.76
C LEU B 15 -9.20 35.68 -14.78
N LYS B 16 -7.97 36.03 -14.41
CA LYS B 16 -7.06 36.74 -15.30
C LYS B 16 -6.25 35.71 -16.11
N PHE B 17 -6.35 35.79 -17.44
CA PHE B 17 -5.66 34.90 -18.36
C PHE B 17 -4.14 35.03 -18.28
N LEU B 18 -3.42 33.91 -18.05
CA LEU B 18 -1.96 33.89 -18.02
C LEU B 18 -1.40 33.22 -19.28
N GLN B 19 -1.85 32.01 -19.57
CA GLN B 19 -1.41 31.26 -20.76
C GLN B 19 -2.24 30.03 -21.05
N GLN B 20 -2.21 29.62 -22.32
CA GLN B 20 -2.81 28.39 -22.84
C GLN B 20 -1.90 27.22 -22.40
N LEU B 21 -2.48 26.19 -21.78
CA LEU B 21 -1.70 25.01 -21.39
C LEU B 21 -1.80 23.89 -22.46
N GLY B 22 -2.92 23.85 -23.17
CA GLY B 22 -3.17 22.91 -24.25
C GLY B 22 -4.62 22.65 -24.56
N LYS B 23 -4.94 22.22 -25.80
CA LYS B 23 -6.32 21.88 -26.14
C LYS B 23 -6.61 20.46 -25.58
N GLY B 24 -7.73 20.34 -24.89
CA GLY B 24 -8.20 19.09 -24.30
C GLY B 24 -8.86 18.19 -25.32
N ASN B 25 -9.65 17.17 -24.84
CA ASN B 25 -10.39 16.21 -25.69
C ASN B 25 -11.24 16.93 -26.75
N PHE B 26 -12.25 17.72 -26.32
CA PHE B 26 -13.12 18.53 -27.19
C PHE B 26 -13.11 19.99 -26.69
N GLY B 27 -12.14 20.30 -25.82
CA GLY B 27 -11.97 21.62 -25.20
C GLY B 27 -10.56 22.15 -25.11
N SER B 28 -10.29 22.95 -24.05
CA SER B 28 -8.98 23.56 -23.81
C SER B 28 -8.70 23.77 -22.33
N VAL B 29 -7.39 23.81 -21.97
CA VAL B 29 -6.92 24.05 -20.60
C VAL B 29 -6.07 25.31 -20.58
N GLU B 30 -6.42 26.23 -19.68
CA GLU B 30 -5.73 27.50 -19.52
C GLU B 30 -5.23 27.69 -18.12
N MET B 31 -4.10 28.39 -17.98
CA MET B 31 -3.53 28.81 -16.70
C MET B 31 -4.06 30.22 -16.43
N CYS B 32 -4.71 30.39 -15.27
CA CYS B 32 -5.32 31.65 -14.85
C CYS B 32 -4.91 32.02 -13.46
N ARG B 33 -5.29 33.22 -13.05
CA ARG B 33 -5.14 33.66 -11.68
C ARG B 33 -6.52 34.02 -11.20
N TYR B 34 -6.99 33.39 -10.10
CA TYR B 34 -8.28 33.80 -9.55
C TYR B 34 -7.93 34.83 -8.52
N ASP B 35 -8.07 36.12 -8.92
CA ASP B 35 -7.68 37.27 -8.13
C ASP B 35 -8.80 38.33 -7.97
N PRO B 36 -9.78 38.09 -7.06
CA PRO B 36 -10.87 39.07 -6.88
C PRO B 36 -10.45 40.41 -6.24
N LEU B 37 -9.26 40.44 -5.61
CA LEU B 37 -8.68 41.61 -4.96
C LEU B 37 -8.05 42.59 -5.97
N GLN B 38 -7.67 42.11 -7.17
CA GLN B 38 -7.01 42.87 -8.26
C GLN B 38 -5.61 43.39 -7.85
N ASP B 39 -5.04 42.81 -6.77
CA ASP B 39 -3.73 43.16 -6.20
C ASP B 39 -2.61 42.18 -6.63
N ASN B 40 -2.97 41.13 -7.41
CA ASN B 40 -2.12 40.05 -7.95
C ASN B 40 -1.84 38.91 -6.95
N THR B 41 -2.38 39.01 -5.71
CA THR B 41 -2.15 38.01 -4.66
C THR B 41 -2.95 36.72 -4.91
N GLY B 42 -3.77 36.71 -5.94
CA GLY B 42 -4.57 35.56 -6.34
C GLY B 42 -3.73 34.35 -6.65
N GLU B 43 -4.30 33.17 -6.39
CA GLU B 43 -3.57 31.96 -6.62
C GLU B 43 -3.86 31.42 -8.03
N VAL B 44 -2.77 31.00 -8.70
CA VAL B 44 -2.72 30.45 -10.05
C VAL B 44 -3.43 29.08 -10.07
N VAL B 45 -4.42 28.92 -10.96
CA VAL B 45 -5.27 27.74 -11.14
C VAL B 45 -5.28 27.28 -12.62
N ALA B 46 -5.67 26.03 -12.87
CA ALA B 46 -5.84 25.52 -14.22
C ALA B 46 -7.36 25.48 -14.48
N VAL B 47 -7.76 25.99 -15.66
CA VAL B 47 -9.14 26.15 -16.07
C VAL B 47 -9.42 25.35 -17.32
N LYS B 48 -10.34 24.37 -17.22
CA LYS B 48 -10.77 23.55 -18.35
C LYS B 48 -12.12 24.03 -18.84
N LYS B 49 -12.28 24.17 -20.16
CA LYS B 49 -13.52 24.63 -20.81
C LYS B 49 -13.70 23.91 -22.14
N LEU B 50 -14.92 23.97 -22.73
CA LEU B 50 -15.17 23.33 -24.02
C LEU B 50 -14.92 24.27 -25.20
N HIS B 57 -21.42 17.11 -26.04
CA HIS B 57 -20.14 17.43 -25.42
C HIS B 57 -20.28 18.08 -24.04
N LEU B 58 -21.33 18.88 -23.83
CA LEU B 58 -21.56 19.55 -22.56
C LEU B 58 -22.01 18.58 -21.48
N ARG B 59 -22.79 17.54 -21.85
CA ARG B 59 -23.28 16.56 -20.88
C ARG B 59 -22.15 15.72 -20.32
N ASP B 60 -21.19 15.36 -21.20
CA ASP B 60 -20.00 14.61 -20.85
C ASP B 60 -19.16 15.42 -19.83
N PHE B 61 -18.88 16.72 -20.14
CA PHE B 61 -18.13 17.66 -19.28
C PHE B 61 -18.73 17.82 -17.87
N GLU B 62 -20.06 17.87 -17.77
CA GLU B 62 -20.80 17.96 -16.53
C GLU B 62 -20.54 16.72 -15.65
N ARG B 63 -20.49 15.53 -16.30
CA ARG B 63 -20.26 14.24 -15.66
C ARG B 63 -18.80 14.08 -15.22
N GLU B 64 -17.88 14.63 -16.01
CA GLU B 64 -16.46 14.68 -15.73
C GLU B 64 -16.24 15.54 -14.49
N ILE B 65 -16.81 16.78 -14.47
CA ILE B 65 -16.70 17.71 -13.33
C ILE B 65 -17.15 17.04 -12.03
N GLU B 66 -18.31 16.38 -12.05
CA GLU B 66 -18.87 15.70 -10.89
C GLU B 66 -18.03 14.49 -10.46
N ILE B 67 -17.37 13.80 -11.43
CA ILE B 67 -16.42 12.71 -11.14
C ILE B 67 -15.22 13.27 -10.36
N LEU B 68 -14.61 14.39 -10.82
CA LEU B 68 -13.44 15.01 -10.18
C LEU B 68 -13.71 15.48 -8.76
N LYS B 69 -14.89 16.11 -8.55
CA LYS B 69 -15.35 16.61 -7.26
C LYS B 69 -15.41 15.48 -6.19
N SER B 70 -15.87 14.29 -6.60
CA SER B 70 -15.99 13.13 -5.73
C SER B 70 -14.65 12.49 -5.36
N LEU B 71 -13.55 12.86 -6.05
CA LEU B 71 -12.21 12.31 -5.83
C LEU B 71 -11.32 13.15 -4.91
N GLN B 72 -10.85 12.51 -3.82
CA GLN B 72 -9.98 13.13 -2.80
C GLN B 72 -8.79 12.19 -2.59
N HIS B 73 -7.70 12.45 -3.34
CA HIS B 73 -6.48 11.66 -3.28
C HIS B 73 -5.22 12.45 -3.66
N ASP B 74 -4.11 12.12 -3.00
CA ASP B 74 -2.75 12.65 -3.16
C ASP B 74 -2.25 12.58 -4.60
N ASN B 75 -2.66 11.54 -5.34
CA ASN B 75 -2.24 11.28 -6.73
C ASN B 75 -3.34 11.52 -7.75
N ILE B 76 -4.29 12.44 -7.42
CA ILE B 76 -5.39 12.88 -8.30
C ILE B 76 -5.46 14.41 -8.21
N VAL B 77 -5.41 15.09 -9.38
CA VAL B 77 -5.48 16.56 -9.49
C VAL B 77 -6.70 17.09 -8.69
N LYS B 78 -6.47 18.06 -7.77
CA LYS B 78 -7.51 18.61 -6.90
C LYS B 78 -8.49 19.52 -7.63
N TYR B 79 -9.79 19.19 -7.45
CA TYR B 79 -10.93 19.95 -7.92
C TYR B 79 -11.00 21.18 -7.02
N LYS B 80 -11.19 22.35 -7.62
CA LYS B 80 -11.31 23.58 -6.84
C LYS B 80 -12.75 24.11 -6.82
N GLY B 81 -13.38 24.11 -7.99
CA GLY B 81 -14.73 24.60 -8.18
C GLY B 81 -15.13 24.72 -9.63
N VAL B 82 -16.21 25.48 -9.85
CA VAL B 82 -16.82 25.71 -11.16
C VAL B 82 -17.01 27.16 -11.45
N CYS B 83 -17.18 27.47 -12.74
CA CYS B 83 -17.36 28.84 -13.23
C CYS B 83 -18.11 28.81 -14.58
N LEU B 91 -19.68 27.03 -18.91
CA LEU B 91 -19.13 26.14 -17.88
C LEU B 91 -17.61 25.91 -17.99
N LYS B 92 -16.93 26.21 -16.88
CA LYS B 92 -15.48 26.10 -16.72
C LYS B 92 -15.16 25.33 -15.43
N LEU B 93 -14.30 24.30 -15.55
CA LEU B 93 -13.84 23.49 -14.43
C LEU B 93 -12.53 24.10 -13.90
N ILE B 94 -12.51 24.45 -12.60
CA ILE B 94 -11.36 25.07 -11.97
C ILE B 94 -10.65 24.04 -11.13
N MET B 95 -9.33 23.85 -11.40
CA MET B 95 -8.48 22.88 -10.72
C MET B 95 -7.21 23.53 -10.23
N GLU B 96 -6.49 22.81 -9.32
CA GLU B 96 -5.20 23.26 -8.81
C GLU B 96 -4.21 23.24 -9.97
N TYR B 97 -3.19 24.09 -9.94
CA TYR B 97 -2.18 24.17 -10.99
C TYR B 97 -0.95 23.40 -10.55
N LEU B 98 -0.52 22.45 -11.36
CA LEU B 98 0.67 21.63 -11.14
C LEU B 98 1.71 22.16 -12.11
N PRO B 99 2.81 22.70 -11.57
CA PRO B 99 3.78 23.46 -12.39
C PRO B 99 4.77 22.76 -13.33
N TYR B 100 4.95 21.44 -13.22
CA TYR B 100 5.96 20.80 -14.05
C TYR B 100 5.39 20.10 -15.31
N GLY B 101 4.09 20.26 -15.56
CA GLY B 101 3.44 19.74 -16.75
C GLY B 101 3.20 18.25 -16.74
N SER B 102 2.95 17.68 -17.95
CA SER B 102 2.72 16.24 -18.06
C SER B 102 4.01 15.47 -17.82
N LEU B 103 3.85 14.25 -17.30
CA LEU B 103 4.95 13.31 -17.04
C LEU B 103 5.67 13.02 -18.36
N ARG B 104 4.90 12.92 -19.48
CA ARG B 104 5.39 12.72 -20.84
C ARG B 104 6.42 13.82 -21.22
N ASP B 105 6.12 15.09 -20.91
CA ASP B 105 7.03 16.19 -21.20
C ASP B 105 8.18 16.26 -20.21
N TYR B 106 7.87 16.14 -18.89
CA TYR B 106 8.83 16.22 -17.77
C TYR B 106 9.95 15.18 -17.91
N LEU B 107 9.60 13.96 -18.38
CA LEU B 107 10.55 12.88 -18.63
C LEU B 107 11.50 13.20 -19.77
N GLN B 108 10.96 13.78 -20.88
CA GLN B 108 11.77 14.20 -22.03
C GLN B 108 12.73 15.32 -21.61
N ALA B 109 12.22 16.31 -20.85
CA ALA B 109 12.98 17.45 -20.39
C ALA B 109 14.07 17.13 -19.38
N HIS B 110 13.72 16.52 -18.22
CA HIS B 110 14.66 16.26 -17.13
C HIS B 110 15.16 14.83 -16.98
N ALA B 111 15.19 14.02 -18.06
CA ALA B 111 15.65 12.62 -18.04
C ALA B 111 16.96 12.37 -17.26
N GLU B 112 17.91 13.35 -17.31
CA GLU B 112 19.22 13.31 -16.64
C GLU B 112 19.08 13.13 -15.12
N ARG B 113 18.11 13.82 -14.49
CA ARG B 113 17.87 13.70 -13.04
C ARG B 113 16.82 12.62 -12.67
N ILE B 114 16.40 11.81 -13.66
CA ILE B 114 15.43 10.73 -13.43
C ILE B 114 16.10 9.36 -13.58
N ASP B 115 16.21 8.65 -12.47
CA ASP B 115 16.78 7.31 -12.47
C ASP B 115 15.64 6.29 -12.35
N HIS B 116 15.95 4.99 -12.42
CA HIS B 116 14.94 3.93 -12.33
C HIS B 116 14.17 3.95 -11.00
N ILE B 117 14.80 4.36 -9.89
CA ILE B 117 14.17 4.49 -8.57
C ILE B 117 13.07 5.55 -8.62
N LYS B 118 13.35 6.68 -9.31
CA LYS B 118 12.39 7.78 -9.52
C LYS B 118 11.22 7.31 -10.40
N LEU B 119 11.51 6.62 -11.53
CA LEU B 119 10.46 6.07 -12.41
C LEU B 119 9.55 5.16 -11.61
N LEU B 120 10.10 4.36 -10.67
CA LEU B 120 9.29 3.45 -9.85
C LEU B 120 8.52 4.17 -8.76
N GLN B 121 9.03 5.30 -8.28
CA GLN B 121 8.30 6.13 -7.31
C GLN B 121 7.04 6.68 -8.02
N TYR B 122 7.17 7.22 -9.26
CA TYR B 122 6.06 7.70 -10.09
C TYR B 122 5.06 6.57 -10.37
N THR B 123 5.58 5.37 -10.79
CA THR B 123 4.80 4.17 -11.09
C THR B 123 3.87 3.82 -9.92
N SER B 124 4.44 3.80 -8.70
CA SER B 124 3.77 3.46 -7.46
C SER B 124 2.57 4.38 -7.16
N GLN B 125 2.78 5.68 -7.37
CA GLN B 125 1.83 6.76 -7.17
C GLN B 125 0.66 6.65 -8.15
N ILE B 126 0.96 6.32 -9.42
CA ILE B 126 -0.04 6.07 -10.47
C ILE B 126 -0.95 4.90 -10.05
N CYS B 127 -0.37 3.80 -9.54
CA CYS B 127 -1.11 2.66 -9.02
C CYS B 127 -2.02 3.04 -7.90
N LYS B 128 -1.47 3.73 -6.88
CA LYS B 128 -2.23 4.19 -5.71
C LYS B 128 -3.44 5.04 -6.12
N GLY B 129 -3.21 5.95 -7.07
CA GLY B 129 -4.25 6.81 -7.62
C GLY B 129 -5.31 6.01 -8.34
N MET B 130 -4.88 4.95 -9.05
CA MET B 130 -5.75 4.03 -9.81
C MET B 130 -6.52 3.09 -8.90
N GLU B 131 -5.88 2.62 -7.84
CA GLU B 131 -6.50 1.78 -6.83
C GLU B 131 -7.68 2.51 -6.18
N TYR B 132 -7.50 3.84 -5.91
CA TYR B 132 -8.52 4.70 -5.34
C TYR B 132 -9.70 4.88 -6.28
N LEU B 133 -9.45 5.14 -7.57
CA LEU B 133 -10.49 5.25 -8.61
C LEU B 133 -11.39 4.01 -8.58
N GLY B 134 -10.75 2.83 -8.47
CA GLY B 134 -11.39 1.52 -8.39
C GLY B 134 -12.41 1.39 -7.29
N THR B 135 -12.16 2.02 -6.12
CA THR B 135 -13.09 1.97 -4.98
C THR B 135 -14.34 2.80 -5.21
N LYS B 136 -14.28 3.71 -6.19
CA LYS B 136 -15.36 4.60 -6.58
C LYS B 136 -16.09 4.02 -7.76
N ARG B 137 -15.62 2.83 -8.23
CA ARG B 137 -16.10 2.10 -9.40
C ARG B 137 -15.97 2.93 -10.68
N TYR B 138 -14.89 3.74 -10.77
CA TYR B 138 -14.63 4.62 -11.92
C TYR B 138 -13.61 3.99 -12.80
N ILE B 139 -13.80 4.11 -14.11
CA ILE B 139 -12.88 3.56 -15.14
C ILE B 139 -12.26 4.73 -15.87
N HIS B 140 -10.94 4.88 -15.73
CA HIS B 140 -10.23 6.01 -16.35
C HIS B 140 -10.32 6.04 -17.87
N ARG B 141 -9.99 4.93 -18.52
CA ARG B 141 -10.01 4.70 -19.99
C ARG B 141 -8.92 5.43 -20.78
N ASP B 142 -8.13 6.32 -20.17
CA ASP B 142 -7.15 7.11 -20.89
C ASP B 142 -5.84 7.23 -20.11
N LEU B 143 -5.44 6.15 -19.44
CA LEU B 143 -4.19 6.13 -18.67
C LEU B 143 -3.03 6.18 -19.66
N ALA B 144 -2.26 7.27 -19.65
CA ALA B 144 -1.11 7.51 -20.54
C ALA B 144 -0.27 8.55 -19.82
N THR B 145 1.06 8.57 -20.04
CA THR B 145 1.92 9.56 -19.39
C THR B 145 1.50 11.01 -19.71
N ARG B 146 0.82 11.25 -20.86
CA ARG B 146 0.37 12.58 -21.26
C ARG B 146 -0.74 13.10 -20.37
N ASN B 147 -1.43 12.19 -19.63
CA ASN B 147 -2.55 12.49 -18.72
C ASN B 147 -2.15 12.44 -17.25
N ILE B 148 -0.83 12.45 -16.98
CA ILE B 148 -0.24 12.41 -15.65
C ILE B 148 0.52 13.71 -15.49
N LEU B 149 0.22 14.46 -14.44
CA LEU B 149 0.86 15.74 -14.19
C LEU B 149 1.87 15.63 -13.06
N VAL B 150 2.92 16.47 -13.13
CA VAL B 150 3.99 16.52 -12.15
C VAL B 150 3.78 17.70 -11.19
N GLU B 151 3.54 17.40 -9.89
CA GLU B 151 3.33 18.43 -8.87
C GLU B 151 4.68 19.03 -8.49
N ASN B 152 5.63 18.13 -8.15
CA ASN B 152 7.02 18.43 -7.79
C ASN B 152 7.86 17.20 -8.18
N GLU B 153 9.18 17.24 -7.95
CA GLU B 153 10.09 16.13 -8.29
C GLU B 153 9.80 14.81 -7.57
N ASN B 154 8.94 14.81 -6.55
CA ASN B 154 8.61 13.64 -5.78
C ASN B 154 7.11 13.25 -5.78
N ARG B 155 6.25 13.99 -6.51
CA ARG B 155 4.82 13.71 -6.54
C ARG B 155 4.19 13.93 -7.95
N VAL B 156 3.47 12.91 -8.45
CA VAL B 156 2.74 12.94 -9.73
C VAL B 156 1.25 12.70 -9.48
N LYS B 157 0.37 13.21 -10.34
CA LYS B 157 -1.06 13.03 -10.17
C LYS B 157 -1.72 12.71 -11.49
N ILE B 158 -2.82 11.94 -11.49
CA ILE B 158 -3.60 11.71 -12.72
C ILE B 158 -4.31 13.06 -12.93
N GLY B 159 -4.01 13.68 -14.06
CA GLY B 159 -4.43 15.05 -14.35
C GLY B 159 -5.63 15.30 -15.23
N ASP B 160 -6.20 14.26 -15.85
CA ASP B 160 -7.34 14.42 -16.75
C ASP B 160 -8.26 13.25 -16.63
N PHE B 161 -9.58 13.53 -16.55
CA PHE B 161 -10.66 12.57 -16.37
C PHE B 161 -11.79 12.71 -17.41
N GLY B 162 -11.43 13.18 -18.61
CA GLY B 162 -12.32 13.42 -19.74
C GLY B 162 -13.06 12.23 -20.30
N LEU B 163 -12.46 11.03 -20.25
CA LEU B 163 -13.01 9.76 -20.77
C LEU B 163 -13.51 8.85 -19.66
N THR B 164 -13.41 9.28 -18.39
CA THR B 164 -13.75 8.46 -17.24
C THR B 164 -15.22 8.11 -17.20
N LYS B 165 -15.53 6.81 -16.97
CA LYS B 165 -16.88 6.25 -16.89
C LYS B 165 -17.12 5.61 -15.54
N VAL B 166 -18.38 5.63 -15.09
CA VAL B 166 -18.80 4.99 -13.85
C VAL B 166 -19.39 3.63 -14.23
N LEU B 167 -18.91 2.57 -13.58
CA LEU B 167 -19.42 1.22 -13.82
C LEU B 167 -20.88 1.17 -13.45
N PRO B 168 -21.72 0.47 -14.26
CA PRO B 168 -23.11 0.26 -13.84
C PRO B 168 -23.08 -0.55 -12.53
N GLN B 169 -24.06 -0.33 -11.68
CA GLN B 169 -24.19 -0.94 -10.37
C GLN B 169 -24.07 -2.47 -10.37
N ASP B 170 -24.64 -3.13 -11.39
CA ASP B 170 -24.69 -4.59 -11.53
C ASP B 170 -23.70 -5.22 -12.56
N LYS B 171 -22.80 -4.41 -13.14
CA LYS B 171 -21.82 -4.91 -14.13
C LYS B 171 -20.36 -4.58 -13.74
N GLU B 172 -19.41 -5.44 -14.15
CA GLU B 172 -17.99 -5.18 -13.88
C GLU B 172 -17.28 -4.46 -15.05
N PTR B 173 -18.04 -4.12 -16.10
CA PTR B 173 -17.52 -3.41 -17.27
C PTR B 173 -18.48 -2.31 -17.71
O PTR B 173 -19.65 -2.32 -17.33
CB PTR B 173 -17.14 -4.41 -18.41
CG PTR B 173 -18.38 -5.11 -18.94
CD1 PTR B 173 -19.09 -4.48 -19.98
CD2 PTR B 173 -18.79 -6.37 -18.42
CE1 PTR B 173 -20.23 -5.05 -20.49
CE2 PTR B 173 -19.97 -6.96 -18.95
CZ PTR B 173 -20.70 -6.29 -20.01
OH PTR B 173 -21.90 -6.70 -20.65
P PTR B 173 -22.18 -8.15 -20.80
O1P PTR B 173 -20.98 -8.81 -21.49
O2P PTR B 173 -23.38 -8.38 -21.60
O3P PTR B 173 -22.45 -8.74 -19.42
N PTR B 174 -17.98 -1.34 -18.45
CA PTR B 174 -18.74 -0.26 -19.07
C PTR B 174 -18.57 -0.40 -20.61
O PTR B 174 -17.45 -0.47 -21.11
CB PTR B 174 -18.24 1.09 -18.50
CG PTR B 174 -19.21 2.16 -18.95
CD1 PTR B 174 -20.21 2.66 -18.06
CD2 PTR B 174 -19.12 2.65 -20.30
CE1 PTR B 174 -21.09 3.66 -18.56
CE2 PTR B 174 -19.98 3.57 -20.81
CZ PTR B 174 -20.94 4.10 -19.92
OH PTR B 174 -21.65 4.94 -20.69
P PTR B 174 -22.53 6.07 -20.40
O1P PTR B 174 -22.45 6.51 -18.93
O2P PTR B 174 -23.88 5.71 -20.93
O3P PTR B 174 -21.94 7.14 -21.32
N LYS B 175 -19.69 -0.48 -21.35
CA LYS B 175 -19.68 -0.58 -22.82
C LYS B 175 -19.85 0.79 -23.44
N VAL B 176 -18.92 1.22 -24.28
CA VAL B 176 -18.93 2.54 -24.95
C VAL B 176 -19.53 2.42 -26.37
N LYS B 177 -20.41 3.36 -26.82
CA LYS B 177 -21.16 3.27 -28.10
C LYS B 177 -20.73 4.18 -29.23
N GLU B 178 -20.37 5.42 -28.93
CA GLU B 178 -19.94 6.38 -29.97
C GLU B 178 -18.50 6.77 -29.66
N PRO B 179 -17.52 5.86 -29.88
CA PRO B 179 -16.14 6.16 -29.49
C PRO B 179 -15.44 7.31 -30.26
N GLY B 180 -15.47 7.26 -31.60
CA GLY B 180 -14.79 8.25 -32.44
C GLY B 180 -13.28 8.12 -32.29
N GLU B 181 -12.60 9.23 -31.89
CA GLU B 181 -11.15 9.23 -31.68
C GLU B 181 -10.81 8.49 -30.37
N SER B 182 -10.07 7.38 -30.48
CA SER B 182 -9.70 6.58 -29.31
C SER B 182 -8.20 6.28 -29.25
N PRO B 183 -7.57 6.23 -28.06
CA PRO B 183 -6.12 5.91 -27.99
C PRO B 183 -5.87 4.40 -28.13
N ILE B 184 -6.08 3.84 -29.36
CA ILE B 184 -6.04 2.41 -29.68
C ILE B 184 -4.77 1.69 -29.22
N PHE B 185 -3.62 2.38 -29.20
CA PHE B 185 -2.32 1.76 -28.84
C PHE B 185 -2.13 1.60 -27.33
N TRP B 186 -3.09 2.09 -26.53
CA TRP B 186 -3.13 1.93 -25.08
C TRP B 186 -4.27 1.01 -24.65
N TYR B 187 -5.12 0.61 -25.61
CA TYR B 187 -6.34 -0.19 -25.39
C TYR B 187 -6.15 -1.69 -25.28
N ALA B 188 -6.92 -2.28 -24.38
CA ALA B 188 -6.95 -3.71 -24.15
C ALA B 188 -7.66 -4.36 -25.35
N PRO B 189 -7.41 -5.66 -25.65
CA PRO B 189 -8.06 -6.29 -26.81
C PRO B 189 -9.59 -6.19 -26.79
N GLU B 190 -10.21 -6.44 -25.62
CA GLU B 190 -11.69 -6.41 -25.48
C GLU B 190 -12.26 -4.98 -25.60
N SER B 191 -11.43 -3.96 -25.35
CA SER B 191 -11.83 -2.57 -25.53
C SER B 191 -11.94 -2.25 -27.03
N LEU B 192 -11.04 -2.85 -27.84
CA LEU B 192 -10.95 -2.69 -29.29
C LEU B 192 -12.02 -3.50 -29.97
N THR B 193 -12.23 -4.77 -29.51
CA THR B 193 -13.17 -5.70 -30.11
C THR B 193 -14.61 -5.52 -29.66
N GLU B 194 -14.83 -5.20 -28.37
CA GLU B 194 -16.18 -5.11 -27.81
C GLU B 194 -16.54 -3.77 -27.15
N SER B 195 -15.61 -2.79 -27.15
CA SER B 195 -15.80 -1.49 -26.45
C SER B 195 -16.06 -1.69 -24.96
N LYS B 196 -15.44 -2.71 -24.36
CA LYS B 196 -15.60 -3.06 -22.96
C LYS B 196 -14.50 -2.43 -22.10
N PHE B 197 -14.87 -1.57 -21.17
CA PHE B 197 -13.91 -0.91 -20.29
C PHE B 197 -14.14 -1.30 -18.83
N SER B 198 -13.05 -1.68 -18.16
CA SER B 198 -13.09 -2.14 -16.79
C SER B 198 -11.80 -1.74 -16.09
N VAL B 199 -11.65 -2.16 -14.83
CA VAL B 199 -10.43 -1.97 -14.01
C VAL B 199 -9.30 -2.71 -14.74
N ALA B 200 -9.59 -3.92 -15.24
CA ALA B 200 -8.67 -4.79 -15.99
C ALA B 200 -8.16 -4.13 -17.28
N SER B 201 -8.99 -3.34 -17.98
CA SER B 201 -8.53 -2.60 -19.16
C SER B 201 -7.68 -1.39 -18.70
N ASP B 202 -7.99 -0.82 -17.52
CA ASP B 202 -7.15 0.26 -16.96
C ASP B 202 -5.79 -0.33 -16.56
N VAL B 203 -5.78 -1.59 -16.05
CA VAL B 203 -4.56 -2.33 -15.75
C VAL B 203 -3.72 -2.51 -17.02
N TRP B 204 -4.35 -2.98 -18.14
CA TRP B 204 -3.71 -3.12 -19.44
C TRP B 204 -2.96 -1.83 -19.82
N SER B 205 -3.67 -0.63 -19.75
CA SER B 205 -3.09 0.69 -20.09
C SER B 205 -1.99 1.10 -19.14
N PHE B 206 -2.13 0.76 -17.85
CA PHE B 206 -1.06 1.00 -16.86
C PHE B 206 0.25 0.29 -17.35
N GLY B 207 0.13 -0.92 -17.93
CA GLY B 207 1.26 -1.65 -18.47
C GLY B 207 1.90 -0.86 -19.61
N VAL B 208 1.04 -0.13 -20.41
CA VAL B 208 1.52 0.73 -21.51
C VAL B 208 2.21 1.96 -20.92
N VAL B 209 1.66 2.52 -19.84
CA VAL B 209 2.26 3.65 -19.10
C VAL B 209 3.64 3.27 -18.56
N LEU B 210 3.76 2.08 -17.97
CA LEU B 210 5.01 1.55 -17.40
C LEU B 210 6.09 1.38 -18.48
N TYR B 211 5.67 0.99 -19.67
CA TYR B 211 6.50 0.84 -20.85
C TYR B 211 7.00 2.23 -21.26
N GLU B 212 6.09 3.23 -21.38
CA GLU B 212 6.45 4.61 -21.73
C GLU B 212 7.51 5.15 -20.80
N LEU B 213 7.29 5.00 -19.48
CA LEU B 213 8.23 5.43 -18.45
C LEU B 213 9.62 4.89 -18.72
N PHE B 214 9.74 3.57 -18.91
CA PHE B 214 11.02 2.91 -19.12
C PHE B 214 11.61 3.12 -20.54
N THR B 215 10.88 3.81 -21.44
CA THR B 215 11.45 4.24 -22.73
C THR B 215 11.98 5.67 -22.56
N TYR B 216 11.59 6.36 -21.45
CA TYR B 216 11.95 7.75 -21.13
C TYR B 216 11.40 8.68 -22.22
N ILE B 217 10.28 8.24 -22.85
CA ILE B 217 9.56 8.86 -23.99
C ILE B 217 10.56 9.16 -25.16
N GLU B 218 11.39 8.17 -25.51
CA GLU B 218 12.26 8.22 -26.69
C GLU B 218 11.20 8.11 -27.84
N LYS B 219 11.09 9.17 -28.69
CA LYS B 219 10.02 9.38 -29.71
C LYS B 219 9.73 8.16 -30.62
N SER B 220 10.81 7.50 -31.15
CA SER B 220 10.78 6.30 -32.02
C SER B 220 10.29 5.05 -31.27
N LYS B 221 10.31 5.11 -29.94
CA LYS B 221 9.99 3.98 -29.07
C LYS B 221 8.61 4.04 -28.49
N SER B 222 7.79 5.00 -28.91
CA SER B 222 6.42 5.18 -28.39
C SER B 222 5.50 4.03 -28.79
N PRO B 223 4.45 3.73 -27.99
CA PRO B 223 3.49 2.67 -28.37
C PRO B 223 2.94 2.80 -29.81
N PRO B 224 2.52 3.98 -30.35
CA PRO B 224 2.12 4.03 -31.76
C PRO B 224 3.24 3.67 -32.73
N ALA B 225 4.44 4.23 -32.57
CA ALA B 225 5.60 3.95 -33.41
C ALA B 225 5.98 2.45 -33.47
N GLU B 226 6.07 1.78 -32.28
CA GLU B 226 6.39 0.37 -32.12
C GLU B 226 5.35 -0.56 -32.69
N PHE B 227 4.09 -0.36 -32.29
CA PHE B 227 3.00 -1.19 -32.81
C PHE B 227 2.89 -1.07 -34.34
N MET B 228 3.08 0.15 -34.91
CA MET B 228 3.01 0.34 -36.36
C MET B 228 4.09 -0.46 -37.11
N ARG B 229 5.29 -0.57 -36.53
CA ARG B 229 6.44 -1.31 -37.07
C ARG B 229 6.12 -2.78 -37.09
N MET B 230 5.47 -3.28 -36.01
CA MET B 230 5.04 -4.67 -35.81
C MET B 230 3.90 -5.07 -36.74
N ILE B 231 3.00 -4.14 -37.08
CA ILE B 231 1.83 -4.32 -37.95
C ILE B 231 2.27 -4.18 -39.43
N GLY B 232 3.15 -3.21 -39.67
CA GLY B 232 3.60 -2.80 -41.00
C GLY B 232 3.18 -1.36 -41.14
N ASN B 233 4.13 -0.45 -41.43
CA ASN B 233 3.87 1.00 -41.59
C ASN B 233 3.03 1.31 -42.86
N ASP B 234 2.85 0.28 -43.73
CA ASP B 234 2.06 0.34 -44.96
C ASP B 234 0.54 0.39 -44.66
N LYS B 235 0.14 -0.05 -43.42
CA LYS B 235 -1.23 -0.10 -42.96
C LYS B 235 -1.88 1.27 -42.80
N GLN B 236 -3.10 1.41 -43.37
CA GLN B 236 -3.82 2.69 -43.31
C GLN B 236 -5.26 2.58 -42.80
N GLY B 237 -5.65 3.64 -42.07
CA GLY B 237 -6.96 3.90 -41.48
C GLY B 237 -7.73 2.79 -40.79
N GLN B 238 -8.66 2.17 -41.55
CA GLN B 238 -9.56 1.13 -41.05
C GLN B 238 -8.85 -0.19 -40.81
N MET B 239 -7.79 -0.45 -41.62
CA MET B 239 -7.01 -1.67 -41.56
C MET B 239 -6.14 -1.79 -40.31
N ILE B 240 -5.56 -0.68 -39.81
CA ILE B 240 -4.70 -0.63 -38.63
C ILE B 240 -5.31 -1.34 -37.42
N VAL B 241 -6.60 -1.03 -37.09
CA VAL B 241 -7.32 -1.58 -35.93
C VAL B 241 -7.43 -3.12 -35.99
N PHE B 242 -7.90 -3.66 -37.12
CA PHE B 242 -8.01 -5.10 -37.35
C PHE B 242 -6.61 -5.76 -37.17
N HIS B 243 -5.58 -5.21 -37.83
CA HIS B 243 -4.21 -5.71 -37.73
C HIS B 243 -3.63 -5.65 -36.31
N LEU B 244 -3.96 -4.60 -35.53
CA LEU B 244 -3.58 -4.46 -34.13
C LEU B 244 -4.33 -5.52 -33.30
N ILE B 245 -5.62 -5.74 -33.57
CA ILE B 245 -6.43 -6.75 -32.87
C ILE B 245 -5.79 -8.13 -33.07
N GLU B 246 -5.41 -8.46 -34.32
CA GLU B 246 -4.76 -9.71 -34.74
C GLU B 246 -3.41 -9.89 -34.09
N LEU B 247 -2.58 -8.84 -34.04
CA LEU B 247 -1.27 -8.85 -33.41
C LEU B 247 -1.38 -9.20 -31.94
N LEU B 248 -2.30 -8.55 -31.23
CA LEU B 248 -2.52 -8.80 -29.81
C LEU B 248 -2.99 -10.19 -29.52
N LYS B 249 -3.86 -10.74 -30.41
CA LYS B 249 -4.44 -12.09 -30.34
C LYS B 249 -3.36 -13.14 -30.56
N ASN B 250 -2.36 -12.85 -31.40
CA ASN B 250 -1.23 -13.73 -31.68
C ASN B 250 -0.03 -13.43 -30.76
N ASN B 251 -0.34 -12.91 -29.57
CA ASN B 251 0.53 -12.55 -28.46
C ASN B 251 1.74 -11.65 -28.83
N GLY B 252 1.56 -10.81 -29.86
CA GLY B 252 2.54 -9.78 -30.21
C GLY B 252 2.42 -8.71 -29.15
N ARG B 253 3.54 -8.22 -28.66
CA ARG B 253 3.61 -7.28 -27.56
C ARG B 253 4.68 -6.23 -27.75
N LEU B 254 4.55 -5.10 -27.04
CA LEU B 254 5.57 -4.06 -27.09
C LEU B 254 6.90 -4.66 -26.60
N PRO B 255 8.05 -4.33 -27.21
CA PRO B 255 9.31 -4.95 -26.74
C PRO B 255 9.73 -4.47 -25.35
N ARG B 256 10.75 -5.11 -24.76
CA ARG B 256 11.29 -4.65 -23.48
C ARG B 256 12.18 -3.43 -23.81
N PRO B 257 11.89 -2.26 -23.19
CA PRO B 257 12.74 -1.08 -23.43
C PRO B 257 14.19 -1.33 -22.98
N ASP B 258 15.16 -0.70 -23.66
CA ASP B 258 16.57 -0.83 -23.30
C ASP B 258 16.80 -0.38 -21.86
N GLY B 259 17.48 -1.21 -21.09
CA GLY B 259 17.75 -0.95 -19.68
C GLY B 259 16.60 -1.27 -18.77
N CYS B 260 15.45 -1.71 -19.32
CA CYS B 260 14.33 -2.03 -18.47
C CYS B 260 14.61 -3.33 -17.67
N PRO B 261 14.58 -3.29 -16.32
CA PRO B 261 14.82 -4.54 -15.55
C PRO B 261 13.77 -5.59 -15.87
N ASP B 262 14.21 -6.84 -16.08
CA ASP B 262 13.35 -7.97 -16.43
C ASP B 262 12.12 -8.12 -15.53
N GLU B 263 12.27 -7.89 -14.23
CA GLU B 263 11.16 -7.92 -13.27
C GLU B 263 10.13 -6.84 -13.55
N ILE B 264 10.56 -5.69 -14.12
CA ILE B 264 9.66 -4.60 -14.51
C ILE B 264 8.88 -4.99 -15.78
N TYR B 265 9.57 -5.63 -16.76
CA TYR B 265 8.98 -6.10 -18.02
C TYR B 265 7.97 -7.21 -17.79
N MET B 266 8.22 -8.08 -16.80
CA MET B 266 7.31 -9.14 -16.40
C MET B 266 5.97 -8.57 -15.85
N ILE B 267 6.04 -7.41 -15.15
CA ILE B 267 4.85 -6.72 -14.67
C ILE B 267 4.05 -6.25 -15.90
N MET B 268 4.73 -5.62 -16.88
CA MET B 268 4.09 -5.12 -18.10
C MET B 268 3.37 -6.26 -18.81
N THR B 269 4.08 -7.39 -19.09
CA THR B 269 3.54 -8.56 -19.80
C THR B 269 2.34 -9.20 -19.05
N GLU B 270 2.35 -9.16 -17.73
CA GLU B 270 1.25 -9.66 -16.89
C GLU B 270 0.03 -8.74 -17.02
N CYS B 271 0.26 -7.40 -17.13
CA CYS B 271 -0.81 -6.41 -17.34
C CYS B 271 -1.41 -6.63 -18.74
N TRP B 272 -0.57 -7.10 -19.70
CA TRP B 272 -0.99 -7.35 -21.08
C TRP B 272 -1.45 -8.77 -21.30
N ASN B 273 -2.18 -9.33 -20.35
CA ASN B 273 -2.73 -10.67 -20.50
C ASN B 273 -4.04 -10.57 -21.31
N ASN B 274 -4.25 -11.45 -22.31
CA ASN B 274 -5.50 -11.42 -23.10
C ASN B 274 -6.68 -11.85 -22.22
N ASN B 275 -6.39 -12.61 -21.14
CA ASN B 275 -7.38 -13.06 -20.20
C ASN B 275 -7.56 -11.96 -19.17
N VAL B 276 -8.68 -11.24 -19.29
CA VAL B 276 -9.08 -10.10 -18.46
C VAL B 276 -8.99 -10.38 -16.94
N ASN B 277 -9.40 -11.57 -16.50
CA ASN B 277 -9.42 -11.98 -15.08
C ASN B 277 -8.04 -12.35 -14.53
N GLN B 278 -7.08 -12.67 -15.42
CA GLN B 278 -5.72 -13.03 -15.05
C GLN B 278 -4.82 -11.79 -14.84
N ARG B 279 -5.30 -10.59 -15.22
CA ARG B 279 -4.57 -9.34 -15.06
C ARG B 279 -4.42 -8.97 -13.57
N PRO B 280 -3.26 -8.42 -13.12
CA PRO B 280 -3.12 -8.11 -11.68
C PRO B 280 -3.97 -6.93 -11.25
N SER B 281 -4.11 -6.76 -9.93
CA SER B 281 -4.86 -5.68 -9.34
C SER B 281 -3.88 -4.53 -9.10
N PHE B 282 -4.39 -3.28 -9.01
CA PHE B 282 -3.55 -2.11 -8.73
C PHE B 282 -2.90 -2.16 -7.36
N ARG B 283 -3.58 -2.81 -6.39
CA ARG B 283 -3.06 -3.01 -5.03
C ARG B 283 -1.79 -3.89 -5.07
N ASP B 284 -1.86 -5.09 -5.72
CA ASP B 284 -0.72 -6.00 -5.90
C ASP B 284 0.42 -5.36 -6.69
N LEU B 285 0.09 -4.57 -7.74
CA LEU B 285 1.06 -3.88 -8.58
C LEU B 285 1.87 -2.87 -7.76
N ALA B 286 1.21 -2.03 -6.95
CA ALA B 286 1.86 -1.05 -6.09
C ALA B 286 2.83 -1.73 -5.12
N LEU B 287 2.39 -2.85 -4.48
CA LEU B 287 3.20 -3.62 -3.56
C LEU B 287 4.44 -4.18 -4.26
N ARG B 288 4.26 -4.83 -5.45
CA ARG B 288 5.35 -5.38 -6.26
C ARG B 288 6.36 -4.31 -6.68
N VAL B 289 5.88 -3.15 -7.15
CA VAL B 289 6.71 -2.00 -7.54
C VAL B 289 7.47 -1.46 -6.31
N ASP B 290 6.80 -1.34 -5.15
CA ASP B 290 7.44 -0.85 -3.90
C ASP B 290 8.58 -1.75 -3.45
N GLN B 291 8.41 -3.10 -3.55
CA GLN B 291 9.41 -4.12 -3.21
C GLN B 291 10.64 -4.04 -4.13
N ILE B 292 10.41 -3.97 -5.46
CA ILE B 292 11.45 -3.82 -6.48
C ILE B 292 12.21 -2.49 -6.33
N ARG B 293 11.49 -1.39 -6.00
CA ARG B 293 12.14 -0.10 -5.85
C ARG B 293 13.06 -0.10 -4.60
N ASP B 294 12.69 -0.89 -3.59
CA ASP B 294 13.43 -1.07 -2.35
C ASP B 294 14.69 -1.92 -2.58
N GLN B 295 14.51 -3.08 -3.27
CA GLN B 295 15.59 -4.00 -3.63
C GLN B 295 16.63 -3.30 -4.55
N MET B 296 16.31 -2.10 -5.05
CA MET B 296 17.16 -1.28 -5.93
C MET B 296 18.08 -0.33 -5.16
N ALA B 297 17.66 0.12 -3.95
CA ALA B 297 18.32 1.03 -2.98
C ALA B 297 19.63 1.67 -3.46
F28 LMM C . -0.15 -2.73 17.07
C25 LMM C . -0.76 -1.61 17.54
C26 LMM C . -0.27 -0.30 17.29
N27 LMM C . -0.87 0.76 17.84
C22 LMM C . -1.94 0.50 18.60
N23 LMM C . -2.50 -0.69 18.86
C24 LMM C . -1.89 -1.76 18.33
C19 LMM C . -2.62 1.72 19.30
C21 LMM C . -1.94 1.92 20.65
N18 LMM C . -4.06 1.51 19.51
C8 LMM C . -5.01 1.46 18.56
N7 LMM C . -6.27 1.25 18.98
C6 LMM C . -7.20 1.31 18.01
C2 LMM C . -8.67 1.20 18.23
C1 LMM C . -9.38 1.08 19.54
N9 LMM C . -4.62 1.69 17.29
C10 LMM C . -5.56 1.74 16.32
C5 LMM C . -6.92 1.55 16.66
S4 LMM C . -8.35 1.61 15.68
C3 LMM C . -9.34 1.32 17.05
N11 LMM C . -5.18 1.99 14.99
C12 LMM C . -3.90 2.21 14.51
N16 LMM C . -3.73 2.49 13.19
C15 LMM C . -2.44 2.66 12.98
N14 LMM C . -1.76 2.51 14.20
C17 LMM C . -0.31 2.62 14.42
C13 LMM C . -2.69 2.23 15.14
C ACT D . -2.45 16.74 17.75
O ACT D . -3.03 16.90 18.85
CH3 ACT D . -1.24 15.78 17.73
C ACT E . -4.20 15.44 23.18
O ACT E . -5.35 15.89 23.34
CH3 ACT E . -3.29 16.19 22.17
F28 LMM F . -3.15 15.54 -17.55
C25 LMM F . -3.11 16.75 -18.14
C26 LMM F . -4.00 17.80 -17.72
N27 LMM F . -3.93 19.01 -18.29
C22 LMM F . -3.00 19.15 -19.26
N23 LMM F . -2.14 18.22 -19.73
C24 LMM F . -2.19 17.02 -19.15
C19 LMM F . -2.93 20.56 -19.88
C21 LMM F . -3.59 20.50 -21.25
N18 LMM F . -1.54 21.03 -20.04
C8 LMM F . -0.67 21.39 -19.08
N7 LMM F . 0.55 21.82 -19.50
C6 LMM F . 1.36 22.28 -18.54
C2 LMM F . 2.73 22.84 -18.75
C1 LMM F . 3.45 22.95 -20.07
N9 LMM F . -1.10 21.38 -17.80
C10 LMM F . -0.28 21.87 -16.86
C5 LMM F . 1.02 22.35 -17.18
S4 LMM F . 2.29 23.01 -16.20
C3 LMM F . 3.29 23.25 -17.58
N11 LMM F . -0.72 22.02 -15.54
C12 LMM F . -1.97 21.61 -15.11
N16 LMM F . -2.22 21.62 -13.76
C15 LMM F . -3.44 21.15 -13.60
N14 LMM F . -3.99 20.84 -14.88
C17 LMM F . -5.30 20.24 -15.17
C13 LMM F . -3.04 21.14 -15.82
C ACT G . 19.21 -4.15 -23.06
O ACT G . 18.26 -4.01 -22.25
CH3 ACT G . 19.12 -5.31 -24.08
#